data_3V76
#
_entry.id   3V76
#
_cell.length_a   101.091
_cell.length_b   101.091
_cell.length_c   106.934
_cell.angle_alpha   90.00
_cell.angle_beta   90.00
_cell.angle_gamma   120.00
#
_symmetry.space_group_name_H-M   'P 31 2 1'
#
loop_
_entity.id
_entity.type
_entity.pdbx_description
1 polymer Flavoprotein
2 non-polymer 'DIHYDROFLAVINE-ADENINE DINUCLEOTIDE'
3 water water
#
_entity_poly.entity_id   1
_entity_poly.type   'polypeptide(L)'
_entity_poly.pdbx_seq_one_letter_code
;(MSE)HHHHHHSSGVDLGTENLYFQS(MSE)VAEKQDVVIIGAGAAG(MSE)(MSE)CAIEAGKRGRRVLVIDHARAPGE
KIRISGGGRCNFTNIHASPRNFLSGNPHFCKSALARYRPQDFVALVERHGIGWHEKTLGQLFCDHSAKDIIR(MSE)L
(MSE)AE(MSE)KEAGVQLRLETSIGEVERTASGFRVTTSAGTVDAASLVVASGGKSIPK(MSE)GATGLAYRIAEQFGL
PVVETRPALVPLTLDQAQLAKLGALAGVAADAEARFGKAAFREAVLITHRGLSGPAILQISSYWREGEEIVLRL(MSE)P
DIDIASILKG(MSE)RRANGRQAVQTALADILPRRLAQFFADEAKLTGR(MSE)LADLSDKTIDALASSIQVWAVKPAGS
EGYRTAEVTLGGVDTRALDSRT(MSE)QAKEVPGLYFVGECVDVTGWLGGYNFQWAWASGFVAGQDV
;
_entity_poly.pdbx_strand_id   A
#
# COMPACT_ATOMS: atom_id res chain seq x y z
N GLN A 28 -17.63 -25.52 13.97
CA GLN A 28 -16.21 -25.55 13.66
C GLN A 28 -15.41 -25.18 14.89
N ASP A 29 -14.09 -25.41 14.84
CA ASP A 29 -13.21 -24.89 15.87
C ASP A 29 -12.84 -23.46 15.56
N VAL A 30 -12.98 -23.09 14.29
CA VAL A 30 -12.44 -21.83 13.83
C VAL A 30 -13.15 -21.38 12.57
N VAL A 31 -13.71 -20.17 12.59
CA VAL A 31 -14.30 -19.60 11.39
C VAL A 31 -13.57 -18.34 10.98
N ILE A 32 -13.23 -18.25 9.71
CA ILE A 32 -12.47 -17.09 9.28
C ILE A 32 -13.28 -16.31 8.27
N ILE A 33 -13.39 -15.01 8.49
CA ILE A 33 -14.08 -14.19 7.52
C ILE A 33 -13.11 -13.49 6.60
N GLY A 34 -13.12 -13.91 5.35
CA GLY A 34 -12.28 -13.34 4.32
C GLY A 34 -11.22 -14.35 3.89
N ALA A 35 -11.30 -14.82 2.65
CA ALA A 35 -10.27 -15.67 2.06
C ALA A 35 -9.32 -14.79 1.23
N GLY A 36 -8.64 -13.87 1.89
CA GLY A 36 -7.59 -13.11 1.24
C GLY A 36 -6.20 -13.61 1.67
N ALA A 37 -5.22 -12.74 1.57
CA ALA A 37 -3.87 -13.10 1.99
C ALA A 37 -3.85 -13.55 3.45
N ALA A 38 -4.27 -12.68 4.37
CA ALA A 38 -4.14 -13.03 5.80
C ALA A 38 -5.01 -14.20 6.23
N GLY A 39 -6.21 -14.29 5.64
CA GLY A 39 -7.17 -15.31 5.98
C GLY A 39 -6.77 -16.70 5.57
N CYS A 42 -3.73 -17.84 7.78
CA CYS A 42 -4.24 -18.27 9.06
C CYS A 42 -4.90 -19.61 8.94
N ALA A 43 -5.71 -19.79 7.90
CA ALA A 43 -6.43 -21.04 7.69
C ALA A 43 -5.46 -22.22 7.67
N ILE A 44 -4.40 -22.08 6.84
CA ILE A 44 -3.43 -23.12 6.63
C ILE A 44 -2.79 -23.55 7.95
N GLU A 45 -2.31 -22.55 8.69
CA GLU A 45 -1.70 -22.79 9.99
C GLU A 45 -2.66 -23.45 11.01
N ALA A 46 -3.93 -23.10 10.98
CA ALA A 46 -4.86 -23.72 11.89
C ALA A 46 -5.28 -25.11 11.40
N GLY A 47 -5.46 -25.26 10.09
CA GLY A 47 -5.73 -26.58 9.54
C GLY A 47 -4.57 -27.56 9.74
N LYS A 48 -3.34 -27.06 9.70
CA LYS A 48 -2.19 -27.93 9.86
C LYS A 48 -2.08 -28.42 11.29
N ARG A 49 -2.65 -27.66 12.22
CA ARG A 49 -2.67 -28.06 13.64
C ARG A 49 -3.78 -29.05 13.98
N GLY A 50 -4.57 -29.44 12.99
CA GLY A 50 -5.63 -30.42 13.20
C GLY A 50 -6.93 -29.74 13.60
N ARG A 51 -6.86 -28.43 13.76
CA ARG A 51 -8.02 -27.59 14.03
C ARG A 51 -8.91 -27.64 12.80
N ARG A 52 -10.19 -27.88 13.00
CA ARG A 52 -11.10 -27.95 11.86
C ARG A 52 -11.59 -26.55 11.52
N VAL A 53 -11.17 -26.02 10.36
CA VAL A 53 -11.45 -24.61 10.07
C VAL A 53 -12.34 -24.42 8.87
N LEU A 54 -13.11 -23.34 8.90
CA LEU A 54 -13.94 -22.98 7.77
C LEU A 54 -13.72 -21.54 7.36
N VAL A 55 -13.48 -21.31 6.08
CA VAL A 55 -13.29 -19.96 5.56
C VAL A 55 -14.50 -19.53 4.72
N ILE A 56 -15.04 -18.37 5.05
CA ILE A 56 -16.23 -17.83 4.37
C ILE A 56 -15.84 -16.55 3.61
N ASP A 57 -16.40 -16.36 2.42
CA ASP A 57 -16.05 -15.17 1.64
C ASP A 57 -17.22 -14.85 0.70
N HIS A 58 -17.53 -13.57 0.55
CA HIS A 58 -18.69 -13.22 -0.27
C HIS A 58 -18.34 -13.21 -1.75
N ALA A 59 -17.05 -13.29 -2.06
CA ALA A 59 -16.61 -13.31 -3.47
C ALA A 59 -16.81 -14.67 -4.18
N ARG A 60 -16.75 -14.59 -5.50
CA ARG A 60 -16.84 -15.75 -6.37
C ARG A 60 -15.50 -16.51 -6.39
N ALA A 61 -14.43 -15.80 -6.07
CA ALA A 61 -13.08 -16.38 -6.06
C ALA A 61 -12.22 -15.79 -4.94
N PRO A 62 -11.38 -16.61 -4.31
CA PRO A 62 -10.43 -16.21 -3.25
C PRO A 62 -9.35 -15.32 -3.81
N GLY A 63 -8.79 -14.49 -2.94
CA GLY A 63 -7.65 -13.66 -3.24
C GLY A 63 -7.72 -12.80 -4.48
N GLU A 64 -8.83 -12.08 -4.64
CA GLU A 64 -8.99 -11.20 -5.78
C GLU A 64 -7.98 -10.05 -5.82
N LYS A 65 -7.60 -9.56 -4.65
CA LYS A 65 -6.55 -8.56 -4.61
C LYS A 65 -5.19 -9.17 -4.95
N ILE A 66 -4.89 -10.32 -4.38
CA ILE A 66 -3.68 -11.00 -4.77
C ILE A 66 -3.61 -11.09 -6.29
N ARG A 67 -4.71 -11.54 -6.89
CA ARG A 67 -4.76 -11.79 -8.33
C ARG A 67 -4.39 -10.57 -9.18
N ILE A 68 -4.83 -9.38 -8.76
CA ILE A 68 -4.63 -8.21 -9.59
C ILE A 68 -3.42 -7.43 -9.13
N SER A 69 -2.82 -7.87 -8.03
CA SER A 69 -1.72 -7.13 -7.40
C SER A 69 -0.38 -7.23 -8.18
N GLY A 70 0.57 -6.36 -7.83
CA GLY A 70 1.83 -6.29 -8.57
C GLY A 70 1.64 -6.43 -10.07
N GLY A 71 0.71 -5.67 -10.62
CA GLY A 71 0.38 -5.73 -12.03
C GLY A 71 0.01 -7.11 -12.57
N GLY A 72 -0.62 -7.93 -11.73
CA GLY A 72 -0.95 -9.30 -12.09
C GLY A 72 0.17 -10.29 -11.80
N ARG A 73 1.34 -9.76 -11.42
CA ARG A 73 2.50 -10.56 -11.05
C ARG A 73 2.59 -10.88 -9.56
N CYS A 74 2.10 -9.93 -8.76
CA CYS A 74 2.06 -10.02 -7.30
C CYS A 74 3.39 -9.70 -6.67
N ASN A 75 3.49 -8.49 -6.13
CA ASN A 75 4.67 -8.11 -5.38
C ASN A 75 4.52 -8.68 -3.96
N PHE A 76 4.86 -9.97 -3.79
CA PHE A 76 4.38 -10.76 -2.65
C PHE A 76 5.09 -10.56 -1.32
N THR A 77 6.20 -9.83 -1.35
CA THR A 77 6.85 -9.46 -0.11
C THR A 77 7.98 -8.52 -0.42
N ASN A 78 8.67 -8.10 0.62
CA ASN A 78 9.83 -7.25 0.45
C ASN A 78 10.94 -7.67 1.39
N ILE A 79 12.12 -7.89 0.84
CA ILE A 79 13.16 -8.48 1.68
C ILE A 79 13.51 -7.62 2.92
N HIS A 80 13.24 -6.32 2.87
CA HIS A 80 13.56 -5.43 3.99
C HIS A 80 12.49 -5.25 5.04
N ALA A 81 11.38 -5.98 4.91
CA ALA A 81 10.24 -5.84 5.79
C ALA A 81 10.62 -5.74 7.23
N SER A 82 10.24 -4.65 7.85
CA SER A 82 10.48 -4.48 9.26
C SER A 82 9.64 -3.35 9.79
N PRO A 83 9.62 -3.22 11.09
CA PRO A 83 8.79 -2.24 11.73
C PRO A 83 8.83 -0.86 11.15
N ARG A 84 9.95 -0.40 10.66
CA ARG A 84 9.92 0.94 10.11
C ARG A 84 9.19 1.09 8.79
N ASN A 85 8.70 0.01 8.20
CA ASN A 85 8.09 0.11 6.91
C ASN A 85 6.59 0.16 7.05
N PHE A 86 6.15 0.23 8.29
CA PHE A 86 4.75 0.33 8.60
C PHE A 86 4.34 1.54 9.46
N LEU A 87 3.28 2.20 9.04
CA LEU A 87 2.53 3.15 9.86
C LEU A 87 1.54 2.49 10.83
N SER A 88 1.59 2.90 12.10
CA SER A 88 0.62 2.47 13.10
C SER A 88 0.53 3.49 14.25
N GLY A 89 -0.54 3.38 15.04
CA GLY A 89 -0.73 4.14 16.27
C GLY A 89 0.20 3.61 17.35
N ASN A 90 0.50 2.31 17.30
CA ASN A 90 1.58 1.75 18.11
C ASN A 90 2.64 1.09 17.22
N PRO A 91 3.73 1.82 17.00
CA PRO A 91 4.75 1.46 16.02
C PRO A 91 5.44 0.14 16.33
N HIS A 92 5.41 -0.28 17.60
CA HIS A 92 6.11 -1.50 18.00
C HIS A 92 5.25 -2.73 17.93
N PHE A 93 3.97 -2.53 17.59
CA PHE A 93 3.01 -3.61 17.64
C PHE A 93 3.39 -4.74 16.69
N CYS A 94 3.81 -4.39 15.47
CA CYS A 94 4.07 -5.38 14.42
C CYS A 94 5.38 -6.15 14.58
N LYS A 95 6.24 -5.63 15.45
CA LYS A 95 7.55 -6.18 15.72
C LYS A 95 7.53 -7.70 15.90
N SER A 96 6.63 -8.18 16.76
CA SER A 96 6.59 -9.60 17.10
C SER A 96 6.23 -10.51 15.92
N ALA A 97 5.18 -10.14 15.18
CA ALA A 97 4.71 -11.00 14.09
C ALA A 97 5.74 -11.03 12.94
N LEU A 98 6.27 -9.86 12.63
CA LEU A 98 7.20 -9.71 11.55
C LEU A 98 8.44 -10.57 11.78
N ALA A 99 8.88 -10.65 13.03
CA ALA A 99 10.07 -11.46 13.33
C ALA A 99 9.72 -12.95 13.31
N ARG A 100 8.46 -13.29 13.59
CA ARG A 100 8.06 -14.71 13.61
C ARG A 100 7.77 -15.25 12.23
N TYR A 101 7.54 -14.37 11.27
CA TYR A 101 7.29 -14.81 9.91
C TYR A 101 7.90 -13.81 8.95
N ARG A 102 9.05 -14.21 8.41
CA ARG A 102 9.89 -13.32 7.62
C ARG A 102 9.66 -13.50 6.13
N PRO A 103 10.09 -12.52 5.34
CA PRO A 103 10.02 -12.69 3.88
C PRO A 103 10.65 -14.05 3.39
N GLN A 104 11.77 -14.47 3.99
CA GLN A 104 12.38 -15.72 3.61
C GLN A 104 11.43 -16.88 3.83
N ASP A 105 10.61 -16.78 4.87
CA ASP A 105 9.76 -17.92 5.19
C ASP A 105 8.77 -18.11 4.07
N PHE A 106 8.29 -16.98 3.53
CA PHE A 106 7.33 -17.02 2.45
C PHE A 106 7.99 -17.43 1.13
N VAL A 107 9.17 -16.86 0.90
CA VAL A 107 9.99 -17.31 -0.23
C VAL A 107 10.17 -18.84 -0.23
N ALA A 108 10.50 -19.40 0.95
CA ALA A 108 10.67 -20.85 1.09
C ALA A 108 9.39 -21.56 0.70
N LEU A 109 8.27 -20.96 1.04
CA LEU A 109 7.01 -21.56 0.67
C LEU A 109 6.81 -21.53 -0.86
N VAL A 110 7.02 -20.38 -1.48
CA VAL A 110 6.90 -20.29 -2.92
C VAL A 110 7.80 -21.27 -3.71
N GLU A 111 9.08 -21.31 -3.33
CA GLU A 111 10.05 -22.17 -4.00
C GLU A 111 9.59 -23.62 -3.89
N ARG A 112 9.03 -23.95 -2.74
CA ARG A 112 8.51 -25.29 -2.49
C ARG A 112 7.38 -25.66 -3.47
N HIS A 113 6.80 -24.65 -4.10
CA HIS A 113 5.71 -24.91 -5.03
C HIS A 113 6.15 -24.56 -6.42
N GLY A 114 7.45 -24.37 -6.61
CA GLY A 114 7.98 -24.24 -7.94
C GLY A 114 7.54 -22.96 -8.59
N ILE A 115 7.37 -21.94 -7.77
CA ILE A 115 6.96 -20.67 -8.29
C ILE A 115 8.14 -19.73 -8.49
N GLY A 116 8.47 -19.50 -9.75
CA GLY A 116 9.54 -18.59 -10.09
C GLY A 116 9.31 -17.21 -9.51
N TRP A 117 10.32 -16.70 -8.85
CA TRP A 117 10.29 -15.36 -8.33
C TRP A 117 11.62 -14.59 -8.60
N HIS A 118 11.55 -13.27 -8.61
CA HIS A 118 12.79 -12.49 -8.75
C HIS A 118 12.65 -11.18 -7.96
N GLU A 119 13.75 -10.48 -7.72
CA GLU A 119 13.68 -9.15 -7.14
C GLU A 119 13.65 -8.09 -8.22
N LYS A 120 12.88 -7.02 -8.03
CA LYS A 120 13.02 -5.84 -8.89
C LYS A 120 13.83 -4.77 -8.14
N THR A 121 13.34 -3.55 -8.01
CA THR A 121 14.05 -2.55 -7.19
C THR A 121 13.56 -2.57 -5.73
N LEU A 122 14.32 -1.90 -4.87
CA LEU A 122 13.92 -1.63 -3.49
C LEU A 122 13.44 -2.83 -2.65
N GLY A 123 13.92 -4.03 -2.95
CA GLY A 123 13.70 -5.20 -2.10
C GLY A 123 12.44 -5.92 -2.49
N GLN A 124 11.82 -5.43 -3.56
CA GLN A 124 10.51 -5.92 -4.01
C GLN A 124 10.54 -7.28 -4.72
N LEU A 125 10.03 -8.32 -4.08
CA LEU A 125 9.91 -9.63 -4.70
C LEU A 125 8.64 -9.82 -5.54
N PHE A 126 8.80 -10.25 -6.79
CA PHE A 126 7.65 -10.54 -7.65
C PHE A 126 7.58 -11.99 -8.12
N CYS A 127 6.40 -12.47 -8.48
CA CYS A 127 6.34 -13.73 -9.22
C CYS A 127 6.86 -13.52 -10.64
N ASP A 128 7.39 -14.57 -11.24
CA ASP A 128 7.81 -14.50 -12.62
C ASP A 128 6.59 -14.69 -13.52
N HIS A 129 5.77 -15.70 -13.22
CA HIS A 129 4.64 -16.04 -14.08
C HIS A 129 3.38 -15.20 -13.81
N SER A 130 2.61 -15.55 -12.78
CA SER A 130 1.43 -14.73 -12.42
C SER A 130 0.96 -14.87 -10.96
N ALA A 131 0.32 -13.81 -10.48
CA ALA A 131 -0.25 -13.82 -9.13
C ALA A 131 -1.07 -15.07 -8.84
N LYS A 132 -1.81 -15.53 -9.85
CA LYS A 132 -2.57 -16.77 -9.73
C LYS A 132 -1.80 -18.02 -9.24
N ASP A 133 -0.48 -18.08 -9.47
CA ASP A 133 0.29 -19.21 -8.99
C ASP A 133 0.16 -19.27 -7.47
N ILE A 134 0.23 -18.09 -6.88
CA ILE A 134 0.15 -17.92 -5.43
C ILE A 134 -1.22 -18.31 -4.89
N ILE A 135 -2.27 -17.93 -5.61
CA ILE A 135 -3.60 -18.31 -5.22
C ILE A 135 -3.74 -19.82 -5.27
N ARG A 136 -3.45 -20.39 -6.43
CA ARG A 136 -3.45 -21.84 -6.61
C ARG A 136 -2.69 -22.52 -5.49
N LEU A 138 -1.90 -21.34 -2.26
CA LEU A 138 -2.58 -21.19 -0.97
C LEU A 138 -3.76 -22.15 -0.93
N ALA A 140 -4.13 -25.00 -2.57
CA ALA A 140 -3.65 -26.37 -2.46
C ALA A 140 -3.18 -26.66 -1.05
N GLU A 141 -2.58 -25.64 -0.45
CA GLU A 141 -2.10 -25.79 0.90
C GLU A 141 -3.30 -25.94 1.87
N LYS A 143 -6.32 -27.20 1.03
CA LYS A 143 -6.86 -28.52 0.77
C LYS A 143 -6.08 -29.57 1.54
N GLU A 144 -4.78 -29.41 1.59
CA GLU A 144 -3.94 -30.36 2.31
C GLU A 144 -4.12 -30.21 3.82
N ALA A 145 -4.46 -29.00 4.25
CA ALA A 145 -4.56 -28.74 5.69
C ALA A 145 -5.95 -29.11 6.19
N GLY A 146 -6.81 -29.51 5.25
CA GLY A 146 -8.18 -29.89 5.58
C GLY A 146 -9.19 -28.76 5.79
N VAL A 147 -8.82 -27.52 5.46
CA VAL A 147 -9.72 -26.40 5.70
C VAL A 147 -10.85 -26.37 4.69
N GLN A 148 -12.03 -25.95 5.15
CA GLN A 148 -13.20 -25.83 4.30
C GLN A 148 -13.42 -24.39 3.86
N LEU A 149 -13.72 -24.24 2.57
CA LEU A 149 -13.87 -22.95 1.94
C LEU A 149 -15.28 -22.80 1.41
N ARG A 150 -15.93 -21.70 1.78
CA ARG A 150 -17.24 -21.38 1.23
C ARG A 150 -17.26 -19.97 0.66
N LEU A 151 -17.45 -19.90 -0.64
CA LEU A 151 -17.44 -18.65 -1.39
C LEU A 151 -18.85 -18.25 -1.75
N GLU A 152 -19.01 -17.00 -2.20
CA GLU A 152 -20.31 -16.44 -2.57
C GLU A 152 -21.25 -16.65 -1.40
N THR A 153 -20.73 -16.38 -0.21
CA THR A 153 -21.48 -16.54 1.01
C THR A 153 -21.33 -15.28 1.84
N SER A 154 -22.46 -14.61 2.07
CA SER A 154 -22.50 -13.35 2.79
C SER A 154 -22.71 -13.50 4.30
N ILE A 155 -22.12 -12.60 5.07
CA ILE A 155 -22.28 -12.58 6.53
C ILE A 155 -23.42 -11.65 6.96
N GLY A 156 -24.31 -12.14 7.83
CA GLY A 156 -25.43 -11.35 8.35
C GLY A 156 -25.12 -10.79 9.72
N GLU A 157 -24.94 -11.71 10.68
CA GLU A 157 -24.48 -11.33 12.02
C GLU A 157 -23.45 -12.25 12.64
N VAL A 158 -22.84 -11.69 13.67
CA VAL A 158 -21.99 -12.40 14.60
C VAL A 158 -22.51 -12.13 16.00
N GLU A 159 -22.76 -13.19 16.77
CA GLU A 159 -23.06 -13.00 18.19
C GLU A 159 -22.08 -13.75 19.06
N ARG A 160 -21.73 -13.15 20.19
CA ARG A 160 -21.07 -13.88 21.27
C ARG A 160 -21.99 -15.00 21.74
N THR A 161 -21.42 -16.03 22.32
CA THR A 161 -22.21 -17.15 22.78
C THR A 161 -21.50 -17.63 24.02
N ALA A 162 -22.19 -18.39 24.86
CA ALA A 162 -21.57 -18.90 26.08
C ALA A 162 -20.36 -19.72 25.64
N SER A 163 -20.43 -20.20 24.42
CA SER A 163 -19.49 -21.19 23.94
C SER A 163 -18.49 -20.64 22.93
N GLY A 164 -18.64 -19.37 22.54
CA GLY A 164 -17.74 -18.82 21.54
C GLY A 164 -18.45 -17.84 20.64
N PHE A 165 -18.73 -18.25 19.40
CA PHE A 165 -19.41 -17.35 18.45
C PHE A 165 -20.39 -18.08 17.54
N ARG A 166 -21.41 -17.36 17.10
CA ARG A 166 -22.30 -17.83 16.05
C ARG A 166 -22.35 -16.80 14.95
N VAL A 167 -22.15 -17.24 13.71
CA VAL A 167 -22.26 -16.29 12.63
C VAL A 167 -23.34 -16.79 11.72
N THR A 168 -24.12 -15.84 11.24
CA THR A 168 -25.27 -16.12 10.41
C THR A 168 -24.88 -15.68 9.04
N THR A 169 -25.21 -16.50 8.06
CA THR A 169 -24.75 -16.26 6.69
C THR A 169 -25.89 -16.56 5.73
N SER A 170 -25.84 -15.96 4.55
CA SER A 170 -26.78 -16.28 3.47
C SER A 170 -26.90 -17.80 3.17
N ALA A 171 -26.07 -18.62 3.82
CA ALA A 171 -26.12 -20.05 3.58
C ALA A 171 -26.54 -20.86 4.80
N GLY A 172 -26.70 -20.22 5.94
CA GLY A 172 -27.02 -20.93 7.17
C GLY A 172 -26.24 -20.37 8.34
N THR A 173 -26.21 -21.09 9.47
CA THR A 173 -25.42 -20.57 10.59
C THR A 173 -24.28 -21.52 10.96
N VAL A 174 -23.20 -20.94 11.46
CA VAL A 174 -22.09 -21.72 11.99
C VAL A 174 -21.71 -21.27 13.38
N ASP A 175 -21.38 -22.23 14.24
CA ASP A 175 -20.81 -21.92 15.55
C ASP A 175 -19.30 -22.18 15.60
N ALA A 176 -18.54 -21.32 16.28
CA ALA A 176 -17.12 -21.60 16.45
C ALA A 176 -16.52 -21.06 17.74
N ALA A 177 -15.56 -21.79 18.29
CA ALA A 177 -14.81 -21.34 19.46
C ALA A 177 -13.99 -20.09 19.16
N SER A 178 -13.51 -19.97 17.93
CA SER A 178 -12.67 -18.84 17.52
C SER A 178 -13.22 -18.23 16.25
N LEU A 179 -13.13 -16.92 16.15
CA LEU A 179 -13.61 -16.25 14.96
C LEU A 179 -12.56 -15.27 14.52
N VAL A 180 -12.24 -15.34 13.24
CA VAL A 180 -11.14 -14.58 12.71
C VAL A 180 -11.68 -13.65 11.65
N VAL A 181 -11.46 -12.38 11.90
CA VAL A 181 -11.86 -11.30 11.01
C VAL A 181 -10.65 -10.98 10.12
N ALA A 182 -10.78 -11.33 8.85
CA ALA A 182 -9.71 -11.21 7.87
C ALA A 182 -10.30 -10.64 6.57
N SER A 183 -11.19 -9.67 6.73
CA SER A 183 -11.99 -9.14 5.62
C SER A 183 -11.41 -7.90 4.91
N GLY A 184 -10.18 -7.53 5.25
CA GLY A 184 -9.46 -6.49 4.52
C GLY A 184 -9.91 -5.05 4.84
N GLY A 185 -9.66 -4.14 3.90
CA GLY A 185 -10.02 -2.74 4.07
C GLY A 185 -10.95 -2.23 2.98
N LYS A 186 -11.03 -0.91 2.85
CA LYS A 186 -12.04 -0.26 1.99
C LYS A 186 -11.63 0.00 0.53
N SER A 187 -10.42 -0.34 0.17
CA SER A 187 -9.93 -0.05 -1.15
C SER A 187 -10.48 -0.94 -2.27
N ILE A 188 -10.80 -0.32 -3.39
CA ILE A 188 -11.41 -0.97 -4.55
C ILE A 188 -12.71 -1.73 -4.20
N PRO A 189 -13.77 -0.98 -3.85
CA PRO A 189 -15.08 -1.59 -3.60
C PRO A 189 -15.51 -2.54 -4.73
N LYS A 190 -15.22 -2.19 -5.97
CA LYS A 190 -15.67 -3.01 -7.08
C LYS A 190 -15.21 -4.48 -6.96
N GLY A 192 -15.13 -6.19 -4.16
CA GLY A 192 -15.63 -6.83 -2.96
C GLY A 192 -15.02 -6.35 -1.67
N ALA A 193 -14.33 -5.20 -1.68
CA ALA A 193 -13.87 -4.60 -0.43
C ALA A 193 -15.04 -4.09 0.40
N THR A 194 -15.05 -4.40 1.70
CA THR A 194 -16.01 -3.76 2.62
C THR A 194 -15.36 -3.41 3.97
N GLY A 195 -16.07 -2.60 4.77
CA GLY A 195 -15.67 -2.26 6.12
C GLY A 195 -16.15 -3.23 7.19
N LEU A 196 -16.52 -4.45 6.80
CA LEU A 196 -17.03 -5.40 7.78
C LEU A 196 -16.23 -5.48 9.07
N ALA A 197 -14.91 -5.48 8.97
CA ALA A 197 -14.03 -5.59 10.13
C ALA A 197 -14.30 -4.50 11.16
N TYR A 198 -14.43 -3.29 10.66
CA TYR A 198 -14.69 -2.14 11.53
C TYR A 198 -16.04 -2.26 12.23
N ARG A 199 -17.06 -2.72 11.51
CA ARG A 199 -18.38 -2.86 12.13
C ARG A 199 -18.37 -3.89 13.27
N ILE A 200 -17.57 -4.93 13.10
CA ILE A 200 -17.46 -5.96 14.12
C ILE A 200 -16.61 -5.48 15.29
N ALA A 201 -15.57 -4.71 15.01
CA ALA A 201 -14.76 -4.17 16.09
C ALA A 201 -15.64 -3.30 16.98
N GLU A 202 -16.37 -2.37 16.37
CA GLU A 202 -17.20 -1.42 17.14
C GLU A 202 -18.26 -2.19 17.90
N GLN A 203 -18.89 -3.15 17.23
CA GLN A 203 -19.86 -3.98 17.89
C GLN A 203 -19.33 -4.67 19.16
N PHE A 204 -18.04 -4.96 19.22
CA PHE A 204 -17.50 -5.59 20.41
C PHE A 204 -16.69 -4.62 21.24
N GLY A 205 -16.90 -3.34 20.99
CA GLY A 205 -16.28 -2.30 21.79
C GLY A 205 -14.80 -2.03 21.57
N LEU A 206 -14.22 -2.62 20.53
CA LEU A 206 -12.82 -2.31 20.18
C LEU A 206 -12.74 -0.98 19.43
N PRO A 207 -11.81 -0.11 19.84
CA PRO A 207 -11.75 1.19 19.16
C PRO A 207 -11.29 0.98 17.71
N VAL A 208 -11.58 1.92 16.83
CA VAL A 208 -11.12 1.81 15.45
C VAL A 208 -10.37 3.08 15.04
N VAL A 209 -9.09 2.93 14.72
CA VAL A 209 -8.29 4.08 14.34
C VAL A 209 -8.82 4.57 13.01
N GLU A 210 -8.96 5.87 12.90
CA GLU A 210 -9.65 6.48 11.77
C GLU A 210 -9.03 6.09 10.43
N THR A 211 -9.87 5.60 9.54
CA THR A 211 -9.42 5.09 8.27
C THR A 211 -9.34 6.12 7.11
N ARG A 212 -8.34 5.94 6.23
CA ARG A 212 -8.32 6.71 4.98
C ARG A 212 -7.66 6.03 3.79
N PRO A 213 -8.10 6.42 2.59
CA PRO A 213 -7.45 5.97 1.36
C PRO A 213 -5.93 6.25 1.44
N ALA A 214 -5.08 5.24 1.24
CA ALA A 214 -3.62 5.42 1.23
C ALA A 214 -2.98 4.70 0.01
N LEU A 215 -1.73 5.03 -0.30
CA LEU A 215 -1.09 4.57 -1.55
C LEU A 215 -2.05 4.87 -2.73
N VAL A 216 -2.44 6.13 -2.82
CA VAL A 216 -3.48 6.58 -3.73
C VAL A 216 -2.90 7.76 -4.47
N PRO A 217 -3.22 7.90 -5.75
CA PRO A 217 -2.87 9.15 -6.44
C PRO A 217 -3.53 10.37 -5.78
N LEU A 218 -2.99 11.52 -6.09
CA LEU A 218 -3.41 12.78 -5.51
C LEU A 218 -3.96 13.64 -6.61
N THR A 219 -4.98 14.42 -6.31
CA THR A 219 -5.63 15.24 -7.33
C THR A 219 -5.11 16.67 -7.29
N LEU A 220 -5.19 17.32 -8.45
CA LEU A 220 -4.89 18.73 -8.56
C LEU A 220 -6.16 19.42 -9.05
N ASP A 221 -6.34 20.68 -8.65
CA ASP A 221 -7.53 21.44 -9.03
C ASP A 221 -7.45 21.92 -10.47
N GLN A 222 -8.59 22.39 -10.98
CA GLN A 222 -8.71 22.74 -12.38
C GLN A 222 -7.61 23.67 -12.83
N ALA A 223 -7.26 24.62 -11.97
CA ALA A 223 -6.20 25.59 -12.25
C ALA A 223 -4.80 24.93 -12.35
N GLN A 224 -4.43 24.14 -11.35
CA GLN A 224 -3.19 23.39 -11.46
C GLN A 224 -3.20 22.52 -12.70
N LEU A 225 -4.29 21.77 -12.90
CA LEU A 225 -4.42 20.92 -14.08
C LEU A 225 -4.29 21.68 -15.41
N ALA A 226 -4.69 22.95 -15.41
CA ALA A 226 -4.56 23.77 -16.61
C ALA A 226 -3.12 24.19 -16.80
N LYS A 227 -2.45 24.54 -15.70
CA LYS A 227 -1.06 24.96 -15.76
C LYS A 227 -0.11 23.81 -16.20
N LEU A 228 -0.44 22.58 -15.83
CA LEU A 228 0.34 21.41 -16.17
C LEU A 228 -0.32 20.75 -17.35
N GLY A 229 -1.11 21.55 -18.06
CA GLY A 229 -1.84 21.08 -19.20
C GLY A 229 -1.04 20.22 -20.14
N ALA A 230 0.16 20.68 -20.50
CA ALA A 230 0.95 20.03 -21.52
C ALA A 230 1.96 18.98 -21.00
N LEU A 231 1.88 18.64 -19.73
CA LEU A 231 2.83 17.67 -19.18
C LEU A 231 2.23 16.30 -18.90
N ALA A 232 0.96 16.10 -19.29
CA ALA A 232 0.31 14.81 -19.14
C ALA A 232 1.15 13.74 -19.81
N GLY A 233 1.55 12.73 -19.04
CA GLY A 233 2.30 11.63 -19.61
C GLY A 233 3.77 11.65 -19.26
N VAL A 234 4.32 12.82 -18.91
CA VAL A 234 5.71 12.82 -18.50
C VAL A 234 5.88 12.02 -17.20
N ALA A 235 7.04 11.39 -17.06
CA ALA A 235 7.38 10.57 -15.91
C ALA A 235 8.75 10.99 -15.40
N ALA A 236 8.84 11.62 -14.23
CA ALA A 236 10.10 12.12 -13.72
C ALA A 236 10.67 11.31 -12.56
N ASP A 237 11.97 11.17 -12.52
CA ASP A 237 12.63 10.70 -11.32
C ASP A 237 12.46 11.84 -10.31
N ALA A 238 12.06 11.54 -9.09
CA ALA A 238 11.77 12.60 -8.12
C ALA A 238 11.75 12.11 -6.69
N GLU A 239 12.06 13.01 -5.78
CA GLU A 239 11.70 12.84 -4.39
C GLU A 239 10.32 13.49 -4.13
N ALA A 240 9.44 12.76 -3.45
CA ALA A 240 8.16 13.29 -2.96
C ALA A 240 8.29 13.38 -1.46
N ARG A 241 8.22 14.61 -0.97
CA ARG A 241 8.53 14.88 0.42
C ARG A 241 7.35 15.53 1.15
N PHE A 242 7.08 15.02 2.35
CA PHE A 242 6.16 15.67 3.25
C PHE A 242 6.80 15.71 4.65
N GLY A 243 7.32 16.89 5.01
CA GLY A 243 8.00 17.06 6.28
C GLY A 243 9.19 16.13 6.32
N LYS A 244 9.15 15.14 7.20
CA LYS A 244 10.26 14.23 7.40
C LYS A 244 10.21 12.99 6.48
N ALA A 245 9.09 12.80 5.79
CA ALA A 245 8.92 11.63 4.96
C ALA A 245 9.33 11.98 3.55
N ALA A 246 10.14 11.11 2.94
CA ALA A 246 10.59 11.32 1.58
C ALA A 246 10.75 9.99 0.85
N PHE A 247 10.26 9.95 -0.37
CA PHE A 247 10.44 8.76 -1.18
C PHE A 247 10.91 9.18 -2.52
N ARG A 248 11.82 8.38 -3.07
CA ARG A 248 12.39 8.64 -4.37
C ARG A 248 11.88 7.59 -5.33
N GLU A 249 11.11 8.03 -6.31
CA GLU A 249 10.68 7.11 -7.32
C GLU A 249 10.06 7.91 -8.46
N ALA A 250 9.36 7.26 -9.39
CA ALA A 250 8.75 7.99 -10.49
C ALA A 250 7.56 8.84 -10.03
N VAL A 251 7.45 10.03 -10.60
CA VAL A 251 6.24 10.84 -10.44
C VAL A 251 5.55 10.99 -11.79
N LEU A 252 4.30 10.59 -11.88
CA LEU A 252 3.55 10.70 -13.12
C LEU A 252 2.63 11.91 -13.11
N ILE A 253 2.61 12.65 -14.20
CA ILE A 253 1.66 13.74 -14.34
C ILE A 253 0.57 13.34 -15.33
N THR A 254 -0.67 13.43 -14.88
CA THR A 254 -1.81 12.96 -15.67
C THR A 254 -2.83 14.10 -15.78
N HIS A 255 -4.02 13.77 -16.27
CA HIS A 255 -5.08 14.76 -16.41
C HIS A 255 -5.91 14.88 -15.15
N ARG A 256 -5.78 13.89 -14.27
CA ARG A 256 -6.32 14.00 -12.92
C ARG A 256 -5.30 14.60 -11.95
N GLY A 257 -4.02 14.48 -12.29
CA GLY A 257 -2.99 14.99 -11.40
C GLY A 257 -1.73 14.17 -11.27
N LEU A 258 -1.42 13.79 -10.04
CA LEU A 258 -0.16 13.17 -9.68
C LEU A 258 -0.29 11.73 -9.23
N SER A 259 0.49 10.86 -9.89
CA SER A 259 0.68 9.49 -9.47
C SER A 259 2.13 9.01 -9.69
N GLY A 260 2.33 7.71 -9.90
CA GLY A 260 3.65 7.13 -9.85
C GLY A 260 3.96 6.70 -8.43
N PRO A 261 4.86 5.72 -8.27
CA PRO A 261 5.09 5.19 -6.90
C PRO A 261 5.47 6.25 -5.82
N ALA A 262 6.14 7.34 -6.19
CA ALA A 262 6.57 8.30 -5.17
C ALA A 262 5.37 9.09 -4.59
N ILE A 263 4.37 9.33 -5.43
CA ILE A 263 3.14 9.95 -4.95
C ILE A 263 2.38 9.00 -4.03
N LEU A 264 2.05 7.83 -4.54
CA LEU A 264 1.48 6.76 -3.76
C LEU A 264 2.15 6.62 -2.39
N GLN A 265 3.49 6.65 -2.33
CA GLN A 265 4.12 6.51 -1.03
C GLN A 265 3.77 7.68 -0.10
N ILE A 266 3.96 8.90 -0.57
CA ILE A 266 3.86 10.06 0.28
C ILE A 266 2.36 10.34 0.64
N SER A 267 1.48 9.77 -0.16
CA SER A 267 0.03 9.97 -0.02
C SER A 267 -0.45 9.45 1.33
N SER A 268 0.31 8.53 1.90
CA SER A 268 -0.03 7.97 3.20
C SER A 268 0.43 8.87 4.33
N TYR A 269 1.12 9.94 4.00
CA TYR A 269 1.71 10.77 5.03
C TYR A 269 1.07 12.14 4.93
N TRP A 270 0.70 12.49 3.71
CA TRP A 270 0.08 13.76 3.40
C TRP A 270 -1.37 13.86 3.93
N ARG A 271 -1.80 15.09 4.15
CA ARG A 271 -3.20 15.33 4.50
C ARG A 271 -3.73 16.57 3.83
N GLU A 272 -5.01 16.53 3.49
CA GLU A 272 -5.72 17.65 2.86
C GLU A 272 -5.38 19.02 3.45
N GLY A 273 -5.15 19.97 2.53
CA GLY A 273 -4.75 21.31 2.90
C GLY A 273 -3.24 21.49 2.84
N GLU A 274 -2.51 20.38 2.92
CA GLU A 274 -1.05 20.49 2.99
C GLU A 274 -0.28 20.50 1.67
N GLU A 275 0.99 20.88 1.76
CA GLU A 275 1.89 20.86 0.63
C GLU A 275 2.83 19.65 0.66
N ILE A 276 3.13 19.11 -0.51
CA ILE A 276 4.27 18.22 -0.66
C ILE A 276 5.33 18.98 -1.46
N VAL A 277 6.58 18.60 -1.28
CA VAL A 277 7.66 19.21 -2.01
C VAL A 277 8.25 18.17 -2.96
N LEU A 278 8.32 18.51 -4.24
CA LEU A 278 8.94 17.61 -5.21
C LEU A 278 10.35 18.07 -5.56
N ARG A 279 11.31 17.17 -5.38
CA ARG A 279 12.68 17.34 -5.89
C ARG A 279 12.82 16.52 -7.15
N LEU A 280 12.74 17.17 -8.31
CA LEU A 280 13.03 16.48 -9.56
C LEU A 280 14.53 16.21 -9.74
N PRO A 282 16.46 13.96 -8.12
CA PRO A 282 16.94 14.21 -6.76
C PRO A 282 18.48 13.97 -6.55
N ASP A 283 19.13 13.12 -7.34
CA ASP A 283 20.55 12.82 -7.08
C ASP A 283 21.49 13.90 -7.58
N ILE A 284 20.98 14.80 -8.43
CA ILE A 284 21.83 15.87 -8.96
C ILE A 284 21.52 17.25 -8.38
N ASP A 285 22.46 18.17 -8.61
CA ASP A 285 22.34 19.58 -8.24
C ASP A 285 22.28 20.42 -9.53
N ILE A 286 21.06 20.75 -9.92
CA ILE A 286 20.79 21.40 -11.19
C ILE A 286 21.44 22.79 -11.35
N ALA A 287 21.43 23.57 -10.26
CA ALA A 287 22.18 24.82 -10.19
C ALA A 287 23.64 24.63 -10.61
N SER A 288 24.33 23.65 -10.00
CA SER A 288 25.69 23.30 -10.46
C SER A 288 25.78 22.98 -11.94
N ILE A 289 24.98 22.00 -12.39
CA ILE A 289 24.98 21.62 -13.80
C ILE A 289 24.87 22.85 -14.68
N LEU A 290 23.87 23.68 -14.41
CA LEU A 290 23.56 24.79 -15.29
C LEU A 290 24.69 25.80 -15.35
N LYS A 291 25.34 26.05 -14.22
CA LYS A 291 26.48 26.97 -14.23
C LYS A 291 27.64 26.38 -15.02
N GLY A 292 27.80 25.05 -14.93
CA GLY A 292 28.79 24.35 -15.71
C GLY A 292 28.53 24.49 -17.20
N ARG A 294 26.99 26.76 -18.53
CA ARG A 294 27.11 28.18 -18.83
C ARG A 294 28.53 28.53 -19.29
N ARG A 295 29.54 28.12 -18.53
CA ARG A 295 30.92 28.31 -18.96
C ARG A 295 31.26 27.47 -20.20
N ALA A 296 31.03 26.16 -20.09
CA ALA A 296 31.38 25.19 -21.12
C ALA A 296 30.82 25.51 -22.52
N ASN A 297 29.54 25.87 -22.60
CA ASN A 297 28.97 26.25 -23.90
C ASN A 297 28.65 27.73 -23.98
N GLY A 298 27.63 28.15 -23.23
CA GLY A 298 27.33 29.56 -23.12
C GLY A 298 26.20 30.07 -23.97
N ARG A 299 26.27 29.80 -25.27
CA ARG A 299 25.35 30.44 -26.20
C ARG A 299 24.15 29.56 -26.56
N GLN A 300 23.77 28.67 -25.66
CA GLN A 300 22.55 27.90 -25.89
C GLN A 300 21.35 28.46 -25.12
N ALA A 301 20.19 28.41 -25.77
CA ALA A 301 18.91 28.72 -25.15
C ALA A 301 18.69 27.91 -23.87
N VAL A 302 18.12 28.58 -22.88
CA VAL A 302 17.85 27.99 -21.58
C VAL A 302 17.10 26.68 -21.65
N GLN A 303 16.05 26.65 -22.47
CA GLN A 303 15.17 25.51 -22.49
C GLN A 303 15.91 24.35 -23.13
N THR A 304 16.90 24.68 -23.96
CA THR A 304 17.71 23.66 -24.62
C THR A 304 18.75 23.09 -23.65
N ALA A 305 19.24 23.94 -22.76
CA ALA A 305 20.13 23.46 -21.70
C ALA A 305 19.35 22.54 -20.75
N LEU A 306 18.15 22.92 -20.37
CA LEU A 306 17.33 22.08 -19.49
C LEU A 306 16.97 20.75 -20.15
N ALA A 307 16.80 20.78 -21.46
CA ALA A 307 16.42 19.59 -22.17
C ALA A 307 17.58 18.59 -22.18
N ASP A 308 18.76 19.04 -21.77
CA ASP A 308 19.89 18.15 -21.61
C ASP A 308 19.90 17.49 -20.23
N ILE A 309 18.85 17.72 -19.47
CA ILE A 309 18.77 17.33 -18.06
C ILE A 309 17.43 16.66 -17.75
N LEU A 310 16.34 17.23 -18.27
CA LEU A 310 14.97 16.76 -18.02
C LEU A 310 14.28 16.32 -19.32
N PRO A 311 13.21 15.50 -19.21
CA PRO A 311 12.41 15.27 -20.44
C PRO A 311 11.96 16.58 -21.09
N ARG A 312 11.82 16.59 -22.42
CA ARG A 312 11.60 17.81 -23.20
C ARG A 312 10.45 18.69 -22.69
N ARG A 313 9.30 18.09 -22.45
CA ARG A 313 8.14 18.83 -22.01
C ARG A 313 8.36 19.54 -20.69
N LEU A 314 8.99 18.88 -19.73
CA LEU A 314 9.37 19.53 -18.48
C LEU A 314 10.32 20.70 -18.68
N ALA A 315 11.37 20.50 -19.47
CA ALA A 315 12.28 21.59 -19.80
C ALA A 315 11.53 22.83 -20.33
N GLN A 316 10.60 22.62 -21.27
CA GLN A 316 9.83 23.71 -21.84
C GLN A 316 8.99 24.38 -20.76
N PHE A 317 8.41 23.55 -19.91
CA PHE A 317 7.55 24.06 -18.85
C PHE A 317 8.33 24.96 -17.89
N PHE A 318 9.48 24.49 -17.43
CA PHE A 318 10.19 25.25 -16.41
C PHE A 318 10.81 26.54 -16.98
N ALA A 319 11.18 26.51 -18.25
CA ALA A 319 11.72 27.69 -18.88
C ALA A 319 10.67 28.78 -19.08
N ASP A 320 9.43 28.36 -19.38
CA ASP A 320 8.28 29.27 -19.56
C ASP A 320 7.88 29.93 -18.27
N GLU A 321 7.57 29.11 -17.27
CA GLU A 321 7.16 29.58 -15.95
C GLU A 321 8.09 30.67 -15.45
N ALA A 322 9.39 30.48 -15.69
CA ALA A 322 10.42 31.38 -15.20
C ALA A 322 10.63 32.53 -16.17
N LYS A 323 10.01 32.44 -17.34
CA LYS A 323 10.07 33.49 -18.35
C LYS A 323 11.48 33.69 -18.92
N LEU A 324 12.10 32.56 -19.29
CA LEU A 324 13.47 32.56 -19.75
C LEU A 324 13.61 31.92 -21.12
N THR A 325 12.52 31.36 -21.62
CA THR A 325 12.52 30.74 -22.93
C THR A 325 13.25 31.57 -23.97
N GLY A 326 14.07 30.91 -24.79
CA GLY A 326 14.79 31.58 -25.86
C GLY A 326 15.91 32.50 -25.37
N ARG A 327 16.00 32.68 -24.06
CA ARG A 327 17.08 33.48 -23.47
C ARG A 327 18.36 32.68 -23.50
N LEU A 329 21.85 31.15 -22.26
CA LEU A 329 22.31 30.64 -20.98
C LEU A 329 23.39 31.53 -20.34
N ALA A 330 24.17 32.22 -21.16
CA ALA A 330 25.26 33.05 -20.66
C ALA A 330 24.80 34.42 -20.13
N ASP A 331 23.60 34.81 -20.52
CA ASP A 331 22.98 36.05 -19.99
C ASP A 331 22.29 35.82 -18.63
N LEU A 332 22.38 34.62 -18.09
CA LEU A 332 21.73 34.31 -16.81
C LEU A 332 22.66 34.54 -15.64
N SER A 333 22.25 35.43 -14.74
CA SER A 333 22.94 35.59 -13.47
C SER A 333 22.84 34.34 -12.62
N ASP A 334 23.67 34.32 -11.61
CA ASP A 334 23.67 33.25 -10.66
C ASP A 334 22.35 33.17 -9.91
N LYS A 335 21.86 34.34 -9.51
CA LYS A 335 20.64 34.40 -8.78
C LYS A 335 19.52 33.81 -9.60
N THR A 336 19.48 34.14 -10.89
CA THR A 336 18.42 33.63 -11.76
C THR A 336 18.49 32.10 -11.92
N ILE A 337 19.70 31.57 -12.11
CA ILE A 337 19.88 30.14 -12.19
C ILE A 337 19.42 29.44 -10.90
N ASP A 338 19.83 29.96 -9.74
CA ASP A 338 19.44 29.37 -8.49
C ASP A 338 17.92 29.26 -8.41
N ALA A 339 17.23 30.35 -8.79
CA ALA A 339 15.78 30.36 -8.76
C ALA A 339 15.18 29.33 -9.72
N LEU A 340 15.68 29.28 -10.94
CA LEU A 340 15.28 28.24 -11.90
C LEU A 340 15.47 26.82 -11.32
N ALA A 341 16.66 26.53 -10.82
CA ALA A 341 16.89 25.24 -10.18
C ALA A 341 15.86 24.97 -9.08
N SER A 342 15.68 25.97 -8.24
CA SER A 342 14.82 25.84 -7.09
C SER A 342 13.37 25.53 -7.51
N SER A 343 12.97 26.11 -8.62
CA SER A 343 11.64 25.85 -9.14
C SER A 343 11.47 24.39 -9.54
N ILE A 344 12.58 23.74 -9.92
CA ILE A 344 12.57 22.33 -10.32
C ILE A 344 12.86 21.40 -9.14
N GLN A 345 13.63 21.84 -8.16
CA GLN A 345 14.12 20.89 -7.15
C GLN A 345 13.59 21.14 -5.76
N VAL A 346 12.92 22.29 -5.60
CA VAL A 346 12.12 22.54 -4.41
C VAL A 346 10.75 23.00 -4.87
N TRP A 347 10.02 22.09 -5.50
CA TRP A 347 8.77 22.41 -6.15
C TRP A 347 7.56 22.04 -5.26
N ALA A 348 7.01 23.05 -4.58
CA ALA A 348 5.88 22.88 -3.63
C ALA A 348 4.56 22.71 -4.34
N VAL A 349 3.89 21.60 -4.12
CA VAL A 349 2.56 21.47 -4.68
C VAL A 349 1.49 21.26 -3.59
N LYS A 350 0.35 21.90 -3.74
CA LYS A 350 -0.74 21.70 -2.80
C LYS A 350 -1.83 20.94 -3.55
N PRO A 351 -1.96 19.65 -3.23
CA PRO A 351 -2.93 18.75 -3.87
C PRO A 351 -4.37 19.11 -3.52
N ALA A 352 -5.30 18.95 -4.46
CA ALA A 352 -6.71 19.24 -4.19
C ALA A 352 -7.28 18.15 -3.29
N GLY A 353 -6.92 16.90 -3.56
CA GLY A 353 -7.36 15.81 -2.72
C GLY A 353 -6.69 14.51 -3.13
N SER A 354 -7.24 13.42 -2.64
CA SER A 354 -6.83 12.09 -3.03
C SER A 354 -7.90 11.54 -3.99
N GLU A 355 -7.60 10.48 -4.70
CA GLU A 355 -8.54 9.86 -5.63
C GLU A 355 -9.47 8.89 -4.91
N GLY A 356 -9.32 8.78 -3.59
CA GLY A 356 -10.19 7.90 -2.83
C GLY A 356 -10.07 6.40 -3.03
N TYR A 357 -11.01 5.67 -2.45
CA TYR A 357 -10.92 4.21 -2.36
C TYR A 357 -11.07 3.43 -3.66
N ARG A 358 -11.59 4.05 -4.71
CA ARG A 358 -11.71 3.35 -5.99
C ARG A 358 -10.34 3.16 -6.63
N THR A 359 -9.34 3.82 -6.06
CA THR A 359 -8.01 3.82 -6.65
C THR A 359 -6.85 3.61 -5.67
N ALA A 360 -7.12 3.64 -4.38
CA ALA A 360 -6.11 3.41 -3.36
C ALA A 360 -5.71 1.94 -3.33
N GLU A 361 -4.46 1.69 -2.99
CA GLU A 361 -3.98 0.33 -2.86
C GLU A 361 -4.29 -0.18 -1.44
N VAL A 362 -4.38 0.72 -0.48
CA VAL A 362 -4.46 0.30 0.91
C VAL A 362 -5.30 1.24 1.79
N THR A 363 -5.78 0.71 2.92
CA THR A 363 -6.45 1.55 3.89
C THR A 363 -5.58 1.81 5.11
N LEU A 364 -5.27 3.10 5.33
CA LEU A 364 -4.61 3.55 6.53
C LEU A 364 -5.59 3.50 7.73
N GLY A 365 -5.06 3.27 8.94
CA GLY A 365 -5.90 3.11 10.12
C GLY A 365 -6.58 1.74 10.15
N GLY A 366 -7.61 1.59 10.98
CA GLY A 366 -8.25 0.31 11.14
C GLY A 366 -8.33 -0.06 12.60
N VAL A 367 -8.69 -1.30 12.88
CA VAL A 367 -8.92 -1.75 14.25
C VAL A 367 -7.71 -1.40 15.12
N ASP A 368 -7.95 -0.66 16.19
CA ASP A 368 -6.86 -0.20 17.04
C ASP A 368 -6.05 -1.37 17.62
N THR A 369 -4.76 -1.24 17.43
CA THR A 369 -3.77 -2.22 17.79
C THR A 369 -3.68 -2.42 19.31
N ARG A 370 -3.90 -1.34 20.06
CA ARG A 370 -3.76 -1.37 21.51
C ARG A 370 -4.70 -2.38 22.16
N ALA A 371 -5.75 -2.71 21.41
CA ALA A 371 -6.83 -3.58 21.86
C ALA A 371 -6.59 -5.04 21.50
N LEU A 372 -5.39 -5.30 20.96
CA LEU A 372 -5.05 -6.58 20.33
C LEU A 372 -3.80 -7.21 20.94
N ASP A 373 -3.78 -8.52 21.06
CA ASP A 373 -2.59 -9.17 21.57
C ASP A 373 -1.50 -9.27 20.46
N SER A 374 -0.39 -8.56 20.66
CA SER A 374 0.68 -8.46 19.68
C SER A 374 1.25 -9.80 19.24
N ARG A 375 1.30 -10.75 20.17
CA ARG A 375 1.82 -12.03 19.80
C ARG A 375 0.73 -13.04 19.45
N THR A 376 -0.49 -12.58 19.19
CA THR A 376 -1.58 -13.53 18.99
C THR A 376 -2.60 -13.08 17.97
N GLN A 378 -5.30 -11.79 18.95
CA GLN A 378 -6.59 -11.90 19.64
C GLN A 378 -7.01 -10.63 20.32
N ALA A 379 -8.29 -10.31 20.22
CA ALA A 379 -8.87 -9.17 20.96
C ALA A 379 -8.60 -9.34 22.46
N LYS A 380 -7.92 -8.36 23.05
CA LYS A 380 -7.65 -8.39 24.48
C LYS A 380 -8.94 -8.55 25.30
N GLU A 381 -9.99 -7.81 24.95
CA GLU A 381 -11.28 -7.85 25.66
C GLU A 381 -12.26 -8.98 25.28
N VAL A 382 -11.98 -9.71 24.20
CA VAL A 382 -12.97 -10.72 23.76
C VAL A 382 -12.31 -12.03 23.38
N PRO A 383 -12.19 -12.96 24.33
CA PRO A 383 -11.53 -14.23 24.01
C PRO A 383 -12.09 -14.89 22.75
N GLY A 384 -11.21 -15.30 21.84
CA GLY A 384 -11.58 -16.15 20.72
C GLY A 384 -11.87 -15.36 19.47
N LEU A 385 -11.79 -14.05 19.63
CA LEU A 385 -11.98 -13.16 18.51
C LEU A 385 -10.64 -12.60 18.05
N TYR A 386 -10.38 -12.73 16.74
CA TYR A 386 -9.09 -12.33 16.20
C TYR A 386 -9.27 -11.37 15.03
N PHE A 387 -8.33 -10.43 14.89
CA PHE A 387 -8.28 -9.49 13.77
C PHE A 387 -6.92 -9.55 13.04
N VAL A 388 -6.93 -9.90 11.76
CA VAL A 388 -5.65 -10.00 11.02
C VAL A 388 -5.63 -9.22 9.70
N GLY A 389 -4.42 -8.89 9.26
CA GLY A 389 -4.23 -8.35 7.92
C GLY A 389 -4.48 -6.86 7.82
N GLU A 390 -5.04 -6.42 6.70
CA GLU A 390 -5.13 -5.01 6.44
C GLU A 390 -6.22 -4.29 7.30
N CYS A 391 -7.22 -5.07 7.75
CA CYS A 391 -8.28 -4.51 8.60
C CYS A 391 -7.70 -3.90 9.88
N VAL A 392 -6.45 -4.23 10.20
CA VAL A 392 -5.80 -3.77 11.42
C VAL A 392 -5.06 -2.45 11.17
N ASP A 393 -4.84 -1.67 12.23
CA ASP A 393 -4.14 -0.37 12.11
C ASP A 393 -2.61 -0.53 11.99
N VAL A 394 -2.19 -1.40 11.07
CA VAL A 394 -0.80 -1.49 10.64
C VAL A 394 -0.79 -1.29 9.10
N THR A 395 -0.11 -0.25 8.61
CA THR A 395 -0.11 0.01 7.19
C THR A 395 1.31 0.11 6.58
N GLY A 396 1.58 -0.74 5.57
CA GLY A 396 2.88 -0.83 4.95
C GLY A 396 3.05 0.19 3.83
N TRP A 397 4.30 0.64 3.65
CA TRP A 397 4.70 1.30 2.41
C TRP A 397 4.40 0.38 1.25
N LEU A 398 4.28 0.99 0.08
CA LEU A 398 4.22 0.26 -1.18
C LEU A 398 5.53 -0.56 -1.35
N GLY A 399 5.42 -1.77 -1.95
CA GLY A 399 6.58 -2.60 -2.20
C GLY A 399 6.58 -4.04 -1.67
N GLY A 400 5.41 -4.57 -1.31
CA GLY A 400 5.35 -5.92 -0.78
C GLY A 400 5.18 -5.97 0.74
N TYR A 401 5.36 -4.82 1.41
CA TYR A 401 5.21 -4.75 2.86
C TYR A 401 3.80 -5.10 3.37
N ASN A 402 2.77 -4.75 2.62
CA ASN A 402 1.40 -5.08 3.07
C ASN A 402 1.11 -6.58 3.01
N PHE A 403 1.60 -7.25 1.96
CA PHE A 403 1.40 -8.69 1.85
C PHE A 403 2.17 -9.40 2.94
N GLN A 404 3.35 -8.89 3.26
CA GLN A 404 4.17 -9.51 4.31
C GLN A 404 3.48 -9.39 5.68
N TRP A 405 2.89 -8.22 5.93
CA TRP A 405 2.09 -8.07 7.14
C TRP A 405 0.88 -9.00 7.11
N ALA A 406 0.21 -9.11 5.96
CA ALA A 406 -0.86 -10.07 5.89
C ALA A 406 -0.32 -11.45 6.25
N TRP A 407 0.73 -11.91 5.56
CA TRP A 407 1.33 -13.21 5.85
C TRP A 407 1.61 -13.40 7.36
N ALA A 408 2.40 -12.48 7.93
CA ALA A 408 2.93 -12.64 9.28
C ALA A 408 1.79 -12.74 10.32
N SER A 409 0.84 -11.81 10.22
CA SER A 409 -0.25 -11.73 11.17
C SER A 409 -1.22 -12.87 10.96
N GLY A 410 -1.48 -13.27 9.72
CA GLY A 410 -2.26 -14.48 9.50
C GLY A 410 -1.61 -15.68 10.18
N PHE A 411 -0.29 -15.78 10.02
CA PHE A 411 0.49 -16.88 10.55
C PHE A 411 0.45 -16.87 12.08
N VAL A 412 0.66 -15.71 12.66
CA VAL A 412 0.65 -15.59 14.10
C VAL A 412 -0.70 -16.02 14.71
N ALA A 413 -1.76 -15.64 14.08
CA ALA A 413 -3.05 -16.01 14.55
C ALA A 413 -3.27 -17.49 14.39
N GLY A 414 -2.74 -18.04 13.32
CA GLY A 414 -2.97 -19.41 12.99
C GLY A 414 -2.31 -20.35 13.94
N GLN A 415 -1.36 -19.86 14.70
CA GLN A 415 -0.69 -20.68 15.66
C GLN A 415 -1.49 -20.79 16.93
N ASP A 416 -2.21 -19.74 17.27
CA ASP A 416 -3.00 -19.66 18.47
C ASP A 416 -4.42 -20.10 18.30
N VAL A 417 -4.97 -19.87 17.13
CA VAL A 417 -6.39 -20.08 16.96
C VAL A 417 -6.83 -21.51 17.14
#